data_8JLY
#
_entry.id   8JLY
#
_cell.length_a   30.474
_cell.length_b   41.906
_cell.length_c   86.352
_cell.angle_alpha   90.000
_cell.angle_beta   90.000
_cell.angle_gamma   90.000
#
_symmetry.space_group_name_H-M   'P 2 21 21'
#
loop_
_entity.id
_entity.type
_entity.pdbx_description
1 polymer Nanobody
2 polymer 'alpha-synuclein peptide'
3 non-polymer GLYCEROL
4 water water
#
loop_
_entity_poly.entity_id
_entity_poly.type
_entity_poly.pdbx_seq_one_letter_code
_entity_poly.pdbx_strand_id
1 'polypeptide(L)'
;QVQLQESGGGSVQAGGSLRLSCTISDAIFSRYAVGWFRQAPGKECELVSTITPDSTTTHSDFVKGRFTLSRDNAKNTVYL
QMHSLKPDDTAVYYCASRWRSVSEGCGGQGTQVTVSSAAAYPYDVPDYGS
;
A
2 'polypeptide(L)' KTKEGVVHGVATVA B
#
loop_
_chem_comp.id
_chem_comp.type
_chem_comp.name
_chem_comp.formula
GOL non-polymer GLYCEROL 'C3 H8 O3'
#
# COMPACT_ATOMS: atom_id res chain seq x y z
N GLY A 9 -11.85 6.17 1.15
CA GLY A 9 -11.36 4.86 1.55
C GLY A 9 -12.24 3.71 1.08
N GLY A 10 -11.94 2.50 1.51
CA GLY A 10 -12.73 1.34 1.14
C GLY A 10 -13.03 0.47 2.34
N SER A 11 -14.20 -0.16 2.32
CA SER A 11 -14.67 -0.94 3.46
C SER A 11 -15.29 -2.23 2.96
N VAL A 12 -14.97 -3.33 3.64
CA VAL A 12 -15.45 -4.66 3.26
C VAL A 12 -15.76 -5.43 4.53
N GLN A 13 -16.48 -6.53 4.36
CA GLN A 13 -16.60 -7.54 5.39
C GLN A 13 -15.40 -8.48 5.36
N ALA A 14 -15.06 -9.00 6.55
CA ALA A 14 -13.98 -9.97 6.69
C ALA A 14 -14.10 -11.07 5.63
N GLY A 15 -12.96 -11.42 5.05
CA GLY A 15 -12.91 -12.33 3.92
C GLY A 15 -12.92 -11.65 2.57
N GLY A 16 -13.23 -10.36 2.52
CA GLY A 16 -13.34 -9.63 1.27
C GLY A 16 -12.00 -9.22 0.69
N SER A 17 -12.09 -8.48 -0.41
N SER A 17 -12.08 -8.46 -0.40
CA SER A 17 -10.93 -8.05 -1.19
CA SER A 17 -10.91 -8.07 -1.17
C SER A 17 -11.06 -6.58 -1.51
C SER A 17 -11.00 -6.59 -1.51
N LEU A 18 -9.92 -5.95 -1.77
N LEU A 18 -9.84 -6.00 -1.77
CA LEU A 18 -9.87 -4.53 -2.10
CA LEU A 18 -9.77 -4.59 -2.13
C LEU A 18 -8.59 -4.29 -2.88
C LEU A 18 -8.58 -4.40 -3.07
N ARG A 19 -8.67 -3.45 -3.91
N ARG A 19 -8.61 -3.33 -3.85
CA ARG A 19 -7.48 -2.99 -4.61
CA ARG A 19 -7.50 -2.95 -4.70
C ARG A 19 -7.26 -1.50 -4.32
C ARG A 19 -7.21 -1.47 -4.49
N LEU A 20 -6.03 -1.16 -3.96
CA LEU A 20 -5.62 0.21 -3.75
C LEU A 20 -4.70 0.64 -4.88
N SER A 21 -4.70 1.94 -5.16
CA SER A 21 -3.85 2.56 -6.19
CA SER A 21 -3.85 2.55 -6.18
C SER A 21 -2.99 3.61 -5.52
N CYS A 22 -1.75 3.72 -5.99
CA CYS A 22 -0.81 4.75 -5.54
C CYS A 22 -0.30 5.43 -6.80
N THR A 23 -0.58 6.72 -6.94
CA THR A 23 0.01 7.52 -8.01
C THR A 23 1.12 8.37 -7.41
N ILE A 24 2.30 8.31 -8.01
CA ILE A 24 3.47 8.94 -7.44
C ILE A 24 4.26 9.58 -8.56
N SER A 25 4.98 10.65 -8.22
CA SER A 25 5.84 11.39 -9.14
C SER A 25 6.48 10.50 -10.21
N ASP A 26 6.32 10.87 -11.48
CA ASP A 26 6.80 10.03 -12.57
C ASP A 26 8.30 9.77 -12.47
N ALA A 27 9.09 10.79 -12.12
CA ALA A 27 10.53 10.60 -11.98
C ALA A 27 10.84 9.55 -10.92
N ILE A 28 10.07 9.55 -9.84
CA ILE A 28 10.26 8.54 -8.79
C ILE A 28 9.77 7.18 -9.26
N PHE A 29 8.57 7.13 -9.84
CA PHE A 29 8.00 5.88 -10.32
C PHE A 29 8.96 5.15 -11.25
N SER A 30 9.68 5.89 -12.09
CA SER A 30 10.54 5.27 -13.09
C SER A 30 11.85 4.73 -12.53
N ARG A 31 12.26 5.17 -11.34
CA ARG A 31 13.63 4.97 -10.89
C ARG A 31 13.77 4.32 -9.53
N TYR A 32 12.77 4.47 -8.66
CA TYR A 32 12.93 4.06 -7.27
C TYR A 32 11.88 3.03 -6.87
N ALA A 33 12.20 2.25 -5.85
CA ALA A 33 11.20 1.40 -5.24
C ALA A 33 10.08 2.24 -4.63
N VAL A 34 8.85 1.75 -4.75
CA VAL A 34 7.70 2.34 -4.09
C VAL A 34 7.27 1.39 -2.97
N GLY A 35 7.12 1.93 -1.77
CA GLY A 35 6.69 1.16 -0.62
C GLY A 35 5.25 1.46 -0.25
N TRP A 36 4.53 0.42 0.18
CA TRP A 36 3.23 0.57 0.79
C TRP A 36 3.41 0.41 2.29
N PHE A 37 2.79 1.31 3.05
CA PHE A 37 2.86 1.35 4.50
C PHE A 37 1.44 1.40 5.04
N ARG A 38 1.30 1.03 6.32
CA ARG A 38 -0.02 1.13 6.93
C ARG A 38 0.13 1.49 8.40
N GLN A 39 -0.94 2.03 8.95
CA GLN A 39 -0.96 2.43 10.35
C GLN A 39 -2.33 2.13 10.90
N ALA A 40 -2.42 1.13 11.78
CA ALA A 40 -3.66 0.73 12.40
C ALA A 40 -3.99 1.71 13.53
N PRO A 41 -5.26 1.79 13.93
CA PRO A 41 -5.64 2.75 14.99
C PRO A 41 -4.82 2.54 16.26
N GLY A 42 -4.23 3.63 16.73
CA GLY A 42 -3.43 3.60 17.94
C GLY A 42 -2.13 2.85 17.82
N LYS A 43 -1.68 2.54 16.61
CA LYS A 43 -0.48 1.76 16.39
C LYS A 43 0.51 2.58 15.57
N GLU A 44 1.73 2.05 15.43
CA GLU A 44 2.77 2.76 14.70
C GLU A 44 2.76 2.39 13.21
N CYS A 45 3.35 3.27 12.40
CA CYS A 45 3.50 3.02 10.97
C CYS A 45 4.34 1.77 10.73
N GLU A 46 3.93 0.95 9.75
CA GLU A 46 4.70 -0.24 9.40
C GLU A 46 4.79 -0.40 7.89
N LEU A 47 5.92 -0.91 7.44
CA LEU A 47 6.12 -1.18 6.02
C LEU A 47 5.43 -2.48 5.66
N VAL A 48 4.64 -2.48 4.58
CA VAL A 48 3.88 -3.64 4.14
C VAL A 48 4.57 -4.39 3.00
N SER A 49 4.95 -3.67 1.94
CA SER A 49 5.55 -4.30 0.77
CA SER A 49 5.51 -4.30 0.75
C SER A 49 6.18 -3.20 -0.08
N THR A 50 7.04 -3.62 -1.01
CA THR A 50 7.64 -2.68 -1.97
C THR A 50 7.65 -3.29 -3.37
N ILE A 51 7.75 -2.42 -4.37
CA ILE A 51 7.90 -2.85 -5.76
C ILE A 51 8.87 -1.92 -6.48
N THR A 52 9.76 -2.49 -7.28
CA THR A 52 10.76 -1.74 -8.03
C THR A 52 10.30 -1.55 -9.48
N PRO A 53 10.99 -0.71 -10.25
CA PRO A 53 10.59 -0.51 -11.65
C PRO A 53 10.59 -1.77 -12.49
N ASP A 54 11.38 -2.79 -12.13
CA ASP A 54 11.37 -4.07 -12.83
C ASP A 54 10.37 -5.07 -12.25
N SER A 55 9.50 -4.63 -11.35
CA SER A 55 8.46 -5.47 -10.75
C SER A 55 9.00 -6.57 -9.86
N THR A 56 10.18 -6.36 -9.29
CA THR A 56 10.59 -7.14 -8.13
C THR A 56 9.81 -6.61 -6.94
N THR A 57 9.19 -7.51 -6.18
CA THR A 57 8.31 -7.12 -5.08
C THR A 57 8.81 -7.78 -3.81
N THR A 58 8.85 -7.01 -2.73
CA THR A 58 9.17 -7.53 -1.42
C THR A 58 7.94 -7.43 -0.53
N HIS A 59 7.87 -8.30 0.48
CA HIS A 59 6.75 -8.27 1.40
C HIS A 59 7.25 -8.42 2.82
N SER A 60 6.56 -7.74 3.73
CA SER A 60 6.81 -7.96 5.14
CA SER A 60 6.77 -7.95 5.15
C SER A 60 6.23 -9.31 5.56
N ASP A 61 6.71 -9.81 6.71
CA ASP A 61 6.39 -11.17 7.13
C ASP A 61 4.90 -11.39 7.37
N PHE A 62 4.15 -10.35 7.75
CA PHE A 62 2.73 -10.54 8.07
C PHE A 62 1.82 -10.58 6.84
N VAL A 63 2.35 -10.34 5.64
CA VAL A 63 1.50 -10.33 4.45
C VAL A 63 1.02 -11.73 4.12
N LYS A 64 1.94 -12.71 4.14
CA LYS A 64 1.58 -14.12 3.99
C LYS A 64 0.84 -14.39 2.68
N GLY A 65 1.30 -13.75 1.60
CA GLY A 65 0.74 -14.02 0.29
C GLY A 65 -0.59 -13.38 -0.02
N ARG A 66 -1.20 -12.68 0.95
CA ARG A 66 -2.55 -12.17 0.76
C ARG A 66 -2.59 -10.87 -0.02
N PHE A 67 -1.50 -10.10 0.03
CA PHE A 67 -1.41 -8.80 -0.64
C PHE A 67 -0.36 -8.93 -1.72
N THR A 68 -0.69 -8.48 -2.92
CA THR A 68 0.26 -8.52 -4.03
C THR A 68 0.35 -7.16 -4.71
N LEU A 69 1.50 -6.89 -5.31
CA LEU A 69 1.77 -5.59 -5.91
C LEU A 69 2.01 -5.73 -7.40
N SER A 70 1.62 -4.70 -8.14
CA SER A 70 1.91 -4.64 -9.56
C SER A 70 2.04 -3.17 -9.96
N ARG A 71 2.61 -2.94 -11.14
CA ARG A 71 2.72 -1.61 -11.71
C ARG A 71 1.82 -1.51 -12.93
N ASP A 72 1.18 -0.37 -13.11
CA ASP A 72 0.42 -0.15 -14.33
C ASP A 72 1.38 -0.15 -15.51
N ASN A 73 0.93 -0.68 -16.65
CA ASN A 73 1.79 -0.74 -17.83
CA ASN A 73 1.81 -0.73 -17.82
C ASN A 73 1.92 0.60 -18.55
N ALA A 74 1.10 1.59 -18.22
CA ALA A 74 1.19 2.86 -18.95
C ALA A 74 1.35 4.06 -18.04
N LYS A 75 0.75 4.04 -16.86
CA LYS A 75 0.71 5.20 -15.99
C LYS A 75 1.64 5.03 -14.79
N ASN A 76 1.87 6.15 -14.08
CA ASN A 76 2.67 6.18 -12.86
C ASN A 76 1.85 5.73 -11.65
N THR A 77 1.33 4.50 -11.71
CA THR A 77 0.50 3.96 -10.66
C THR A 77 0.96 2.56 -10.28
N VAL A 78 1.03 2.32 -8.97
CA VAL A 78 1.26 1.00 -8.39
CA VAL A 78 1.23 0.97 -8.47
C VAL A 78 -0.03 0.54 -7.73
N TYR A 79 -0.32 -0.76 -7.83
CA TYR A 79 -1.53 -1.32 -7.25
C TYR A 79 -1.18 -2.29 -6.14
N LEU A 80 -1.97 -2.21 -5.06
CA LEU A 80 -1.90 -3.19 -3.97
C LEU A 80 -3.21 -3.96 -3.98
N GLN A 81 -3.15 -5.23 -4.37
CA GLN A 81 -4.32 -6.09 -4.39
C GLN A 81 -4.36 -6.87 -3.08
N MET A 82 -5.47 -6.75 -2.36
CA MET A 82 -5.60 -7.38 -1.06
CA MET A 82 -5.61 -7.38 -1.05
C MET A 82 -6.70 -8.43 -1.14
N HIS A 83 -6.39 -9.63 -0.65
CA HIS A 83 -7.36 -10.71 -0.60
C HIS A 83 -7.45 -11.21 0.83
N SER A 84 -8.54 -11.92 1.14
CA SER A 84 -8.70 -12.58 2.43
C SER A 84 -8.50 -11.59 3.58
N LEU A 85 -9.13 -10.44 3.47
CA LEU A 85 -8.91 -9.39 4.46
C LEU A 85 -9.52 -9.77 5.79
N LYS A 86 -8.85 -9.36 6.86
CA LYS A 86 -9.34 -9.62 8.20
C LYS A 86 -9.45 -8.31 8.99
N PRO A 87 -10.22 -8.30 10.09
CA PRO A 87 -10.41 -7.05 10.83
C PRO A 87 -9.11 -6.35 11.22
N ASP A 88 -8.06 -7.10 11.58
CA ASP A 88 -6.83 -6.41 11.97
C ASP A 88 -6.05 -5.84 10.79
N ASP A 89 -6.54 -6.00 9.55
CA ASP A 89 -6.01 -5.25 8.42
C ASP A 89 -6.58 -3.83 8.32
N THR A 90 -7.54 -3.49 9.19
CA THR A 90 -8.07 -2.13 9.24
C THR A 90 -6.94 -1.17 9.59
N ALA A 91 -6.77 -0.15 8.75
CA ALA A 91 -5.65 0.77 8.91
C ALA A 91 -5.77 1.82 7.82
N VAL A 92 -5.04 2.91 7.98
CA VAL A 92 -4.80 3.81 6.86
C VAL A 92 -3.58 3.30 6.11
N TYR A 93 -3.70 3.23 4.78
CA TYR A 93 -2.64 2.75 3.90
C TYR A 93 -2.05 3.91 3.12
N TYR A 94 -0.73 3.90 2.99
CA TYR A 94 0.03 4.99 2.40
C TYR A 94 1.06 4.41 1.44
N CYS A 95 1.53 5.22 0.52
CA CYS A 95 2.66 4.83 -0.29
C CYS A 95 3.69 5.94 -0.36
N ALA A 96 4.96 5.54 -0.48
CA ALA A 96 6.06 6.50 -0.44
C ALA A 96 7.29 5.88 -1.05
N SER A 97 8.23 6.75 -1.41
CA SER A 97 9.54 6.34 -1.91
CA SER A 97 9.52 6.35 -1.92
C SER A 97 10.60 7.18 -1.24
N ARG A 98 11.82 6.64 -1.18
CA ARG A 98 12.96 7.38 -0.63
C ARG A 98 12.76 7.74 0.84
N TRP A 99 12.04 6.92 1.58
CA TRP A 99 11.84 7.15 3.01
C TRP A 99 13.15 7.00 3.77
N ARG A 100 13.34 7.83 4.80
CA ARG A 100 14.54 7.73 5.61
C ARG A 100 14.32 6.89 6.85
N SER A 101 13.07 6.55 7.14
CA SER A 101 12.68 5.68 8.22
C SER A 101 11.29 5.16 7.89
N VAL A 102 10.91 4.05 8.53
CA VAL A 102 9.57 3.54 8.28
C VAL A 102 8.53 4.55 8.72
N SER A 103 8.82 5.34 9.75
CA SER A 103 7.85 6.33 10.23
CA SER A 103 7.84 6.33 10.23
C SER A 103 7.46 7.31 9.13
N GLU A 104 8.42 7.74 8.31
CA GLU A 104 8.13 8.66 7.22
C GLU A 104 7.12 8.10 6.23
N GLY A 105 6.99 6.78 6.15
CA GLY A 105 6.14 6.19 5.14
C GLY A 105 4.68 6.53 5.33
N CYS A 106 4.27 6.94 6.53
CA CYS A 106 2.87 7.23 6.82
C CYS A 106 2.61 8.73 6.94
N GLY A 107 3.52 9.56 6.43
CA GLY A 107 3.36 10.99 6.58
C GLY A 107 2.61 11.69 5.48
N GLY A 108 2.28 11.01 4.39
CA GLY A 108 1.58 11.61 3.28
C GLY A 108 0.09 11.33 3.31
N GLN A 109 -0.53 11.45 2.13
CA GLN A 109 -1.97 11.25 1.98
C GLN A 109 -2.25 9.76 1.90
N GLY A 110 -3.00 9.26 2.87
CA GLY A 110 -3.34 7.85 2.95
C GLY A 110 -4.82 7.62 2.71
N THR A 111 -5.18 6.35 2.58
CA THR A 111 -6.56 5.96 2.35
C THR A 111 -7.00 4.98 3.43
N GLN A 112 -8.19 5.17 3.97
CA GLN A 112 -8.65 4.35 5.08
C GLN A 112 -9.24 3.04 4.56
N VAL A 113 -8.75 1.92 5.07
CA VAL A 113 -9.29 0.61 4.78
C VAL A 113 -9.95 0.09 6.05
N THR A 114 -11.20 -0.34 5.95
CA THR A 114 -11.95 -0.84 7.09
C THR A 114 -12.44 -2.24 6.77
N VAL A 115 -12.15 -3.18 7.66
CA VAL A 115 -12.58 -4.57 7.51
C VAL A 115 -13.43 -4.93 8.72
N SER A 116 -14.71 -5.21 8.49
CA SER A 116 -15.66 -5.48 9.57
C SER A 116 -15.96 -6.96 9.68
N SER A 117 -16.06 -7.44 10.91
CA SER A 117 -16.25 -8.86 11.17
CA SER A 117 -16.26 -8.86 11.17
C SER A 117 -17.58 -9.37 10.61
N ALA A 118 -17.61 -10.67 10.35
CA ALA A 118 -18.80 -11.35 9.87
C ALA A 118 -19.32 -12.29 10.94
N GLY B 5 14.66 13.94 -0.07
CA GLY B 5 13.98 13.24 1.00
C GLY B 5 12.81 12.41 0.52
N VAL B 6 11.98 11.98 1.47
CA VAL B 6 10.85 11.11 1.16
C VAL B 6 9.93 11.78 0.15
N VAL B 7 9.41 10.98 -0.78
CA VAL B 7 8.37 11.42 -1.71
C VAL B 7 7.13 10.59 -1.42
N HIS B 8 6.04 11.25 -1.08
CA HIS B 8 4.80 10.58 -0.80
C HIS B 8 3.98 10.47 -2.08
N GLY B 9 3.42 9.29 -2.32
CA GLY B 9 2.40 9.14 -3.34
C GLY B 9 1.03 9.42 -2.77
N VAL B 10 0.02 9.35 -3.63
CA VAL B 10 -1.37 9.54 -3.24
CA VAL B 10 -1.37 9.53 -3.23
C VAL B 10 -2.07 8.19 -3.34
N ALA B 11 -2.59 7.71 -2.21
CA ALA B 11 -3.21 6.40 -2.14
C ALA B 11 -4.73 6.55 -2.18
N THR B 12 -5.37 5.77 -3.04
CA THR B 12 -6.82 5.76 -3.19
C THR B 12 -7.29 4.33 -3.41
N VAL B 13 -8.61 4.13 -3.40
CA VAL B 13 -9.18 2.84 -3.77
C VAL B 13 -9.29 2.75 -5.28
N ALA B 14 -8.80 1.65 -5.85
CA ALA B 14 -8.86 1.44 -7.28
C ALA B 14 -10.21 0.90 -7.71
C1 GOL C . 6.98 16.14 -9.64
O1 GOL C . 7.71 15.09 -10.20
C2 GOL C . 5.53 16.00 -10.17
O2 GOL C . 5.43 14.96 -11.07
C3 GOL C . 5.20 17.38 -10.82
O3 GOL C . 4.06 17.22 -11.62
#